data_3Q2J
#
_entry.id   3Q2J
#
_cell.length_a   49.837
_cell.length_b   91.852
_cell.length_c   131.150
_cell.angle_alpha   90.00
_cell.angle_beta   90.00
_cell.angle_gamma   90.00
#
_symmetry.space_group_name_H-M   'P 21 21 21'
#
loop_
_entity.id
_entity.type
_entity.pdbx_description
1 polymer "Aminoglycoside 3'-phosphotransferase"
2 non-polymer 'CALCIUM ION'
3 non-polymer N-(2-AMINOETHYL)-5-CHLOROISOQUINOLINE-8-SULFONAMIDE
4 water water
#
_entity_poly.entity_id   1
_entity_poly.type   'polypeptide(L)'
_entity_poly.pdbx_seq_one_letter_code
;MAKMRISPELKKLIEKYRCVKDTEGMSPAKVYKLVGENENLYLKMTDSRYKGTTYDVEREKDMMLWLEGKLPVPKVLHFE
RHDGWSNLLMSEADGVLCSEEYEDEQSPEKIIELYAECIRLFHSIDISDCPYTNSLDSRLAELDYLLNNDLADVDCENWE
EDTPFKDPRELYDFLKTEKPEEELVFSHGDLGDSNIFVKDGKVSGFIDLGRSGRADKWYDIAFCVRSIREDIGEEQYVEL
FFDLLGIKPDWEKIKYYILLDELF
;
_entity_poly.pdbx_strand_id   A,B
#
loop_
_chem_comp.id
_chem_comp.type
_chem_comp.name
_chem_comp.formula
CA non-polymer 'CALCIUM ION' 'Ca 2'
CKI non-polymer N-(2-AMINOETHYL)-5-CHLOROISOQUINOLINE-8-SULFONAMIDE 'C11 H12 Cl N3 O2 S'
#
# COMPACT_ATOMS: atom_id res chain seq x y z
N MET A 4 -16.95 -4.86 10.69
CA MET A 4 -17.33 -3.68 9.92
C MET A 4 -16.26 -2.56 9.93
N ARG A 5 -15.52 -2.46 11.03
CA ARG A 5 -14.39 -1.53 11.18
C ARG A 5 -14.77 -0.11 11.54
N ILE A 6 -15.82 0.42 10.91
CA ILE A 6 -16.37 1.70 11.29
C ILE A 6 -17.71 1.50 11.98
N SER A 7 -18.09 2.43 12.86
CA SER A 7 -19.31 2.27 13.62
C SER A 7 -20.52 2.60 12.74
N PRO A 8 -21.70 2.11 13.15
CA PRO A 8 -22.93 2.49 12.46
C PRO A 8 -23.05 4.01 12.31
N GLU A 9 -22.71 4.76 13.35
CA GLU A 9 -22.75 6.22 13.30
C GLU A 9 -21.87 6.80 12.18
N LEU A 10 -20.64 6.32 12.09
CA LEU A 10 -19.69 6.86 11.12
C LEU A 10 -20.09 6.48 9.69
N LYS A 11 -20.53 5.23 9.51
CA LYS A 11 -21.06 4.82 8.22
C LYS A 11 -22.19 5.74 7.75
N LYS A 12 -23.08 6.10 8.67
CA LYS A 12 -24.20 6.96 8.31
C LYS A 12 -23.70 8.34 7.88
N LEU A 13 -22.61 8.78 8.48
CA LEU A 13 -22.05 10.10 8.19
C LEU A 13 -21.47 10.18 6.78
N ILE A 14 -20.86 9.08 6.34
CA ILE A 14 -20.08 9.11 5.10
C ILE A 14 -20.84 8.50 3.93
N GLU A 15 -22.10 8.15 4.16
CA GLU A 15 -22.91 7.42 3.18
C GLU A 15 -23.06 8.10 1.83
N LYS A 16 -23.34 9.40 1.86
CA LYS A 16 -23.69 10.13 0.64
C LYS A 16 -22.44 10.57 -0.12
N TYR A 17 -21.29 10.02 0.29
CA TYR A 17 -20.03 10.34 -0.35
C TYR A 17 -19.61 9.14 -1.16
N ARG A 18 -18.90 9.38 -2.24
CA ARG A 18 -18.37 8.28 -3.03
C ARG A 18 -17.00 7.91 -2.50
N CYS A 19 -16.88 6.71 -1.95
CA CYS A 19 -15.63 6.26 -1.33
C CYS A 19 -14.59 5.79 -2.34
N VAL A 20 -13.39 6.34 -2.23
CA VAL A 20 -12.27 5.91 -3.06
C VAL A 20 -11.05 5.56 -2.22
N LYS A 21 -10.60 4.31 -2.26
CA LYS A 21 -9.36 3.99 -1.55
C LYS A 21 -8.19 4.80 -2.10
N ASP A 22 -7.53 5.55 -1.22
CA ASP A 22 -6.25 6.17 -1.56
C ASP A 22 -5.20 5.09 -1.88
N THR A 23 -4.09 5.53 -2.48
CA THR A 23 -3.06 4.61 -2.97
C THR A 23 -2.19 3.99 -1.87
N GLU A 24 -2.72 3.91 -0.65
CA GLU A 24 -1.94 3.42 0.50
C GLU A 24 -0.65 4.22 0.70
N GLY A 25 -0.71 5.51 0.40
CA GLY A 25 0.42 6.41 0.61
C GLY A 25 0.79 6.59 2.08
N MET A 26 -0.19 6.41 2.96
CA MET A 26 0.04 6.60 4.40
C MET A 26 0.11 5.28 5.19
N SER A 27 0.38 4.19 4.48
CA SER A 27 0.57 2.88 5.10
C SER A 27 1.54 3.04 6.27
N PRO A 28 1.24 2.42 7.42
CA PRO A 28 0.18 1.44 7.73
C PRO A 28 -1.25 1.98 7.88
N ALA A 29 -1.45 3.30 7.90
CA ALA A 29 -2.81 3.85 7.95
C ALA A 29 -3.53 3.56 6.65
N LYS A 30 -4.82 3.26 6.74
CA LYS A 30 -5.66 3.17 5.57
C LYS A 30 -6.36 4.52 5.37
N VAL A 31 -6.25 5.07 4.16
CA VAL A 31 -6.83 6.36 3.85
C VAL A 31 -7.89 6.25 2.74
N TYR A 32 -9.06 6.81 2.97
CA TYR A 32 -10.11 6.77 1.97
C TYR A 32 -10.55 8.19 1.64
N LYS A 33 -10.51 8.52 0.36
CA LYS A 33 -11.05 9.79 -0.14
C LYS A 33 -12.55 9.62 -0.25
N LEU A 34 -13.30 10.59 0.30
CA LEU A 34 -14.74 10.53 0.25
C LEU A 34 -15.24 11.71 -0.60
N VAL A 35 -15.54 11.43 -1.86
CA VAL A 35 -15.95 12.47 -2.79
C VAL A 35 -17.41 12.82 -2.62
N GLY A 36 -17.69 14.04 -2.18
CA GLY A 36 -19.04 14.51 -2.01
C GLY A 36 -19.42 15.49 -3.12
N GLU A 37 -20.61 16.05 -3.04
CA GLU A 37 -21.05 17.06 -4.00
C GLU A 37 -20.34 18.39 -3.77
N ASN A 38 -20.25 18.80 -2.51
CA ASN A 38 -19.73 20.13 -2.20
C ASN A 38 -18.31 20.13 -1.66
N GLU A 39 -17.78 18.96 -1.33
CA GLU A 39 -16.41 18.84 -0.85
C GLU A 39 -15.90 17.42 -0.79
N ASN A 40 -14.65 17.29 -0.40
CA ASN A 40 -14.02 16.01 -0.17
C ASN A 40 -13.77 15.85 1.31
N LEU A 41 -13.97 14.63 1.82
CA LEU A 41 -13.55 14.32 3.17
C LEU A 41 -12.50 13.23 3.08
N TYR A 42 -11.68 13.12 4.11
CA TYR A 42 -10.76 11.99 4.20
C TYR A 42 -10.99 11.21 5.48
N LEU A 43 -11.11 9.90 5.31
CA LEU A 43 -11.20 8.98 6.43
C LEU A 43 -9.87 8.25 6.54
N LYS A 44 -9.28 8.29 7.72
CA LYS A 44 -7.95 7.71 7.96
C LYS A 44 -8.08 6.75 9.14
N MET A 45 -7.60 5.53 8.97
CA MET A 45 -7.83 4.46 9.93
C MET A 45 -6.54 3.72 10.26
N THR A 46 -6.35 3.40 11.53
CA THR A 46 -5.20 2.59 11.94
C THR A 46 -5.62 1.49 12.90
N ASP A 47 -5.04 0.30 12.73
CA ASP A 47 -5.48 -0.85 13.51
C ASP A 47 -4.79 -0.91 14.88
N SER A 48 -5.30 -1.80 15.73
CA SER A 48 -4.87 -1.84 17.13
C SER A 48 -3.38 -2.20 17.35
N ARG A 49 -2.71 -2.76 16.35
CA ARG A 49 -1.29 -3.05 16.55
C ARG A 49 -0.50 -1.75 16.74
N TYR A 50 -1.06 -0.64 16.26
CA TYR A 50 -0.41 0.68 16.28
C TYR A 50 -0.88 1.60 17.41
N LYS A 51 -1.79 1.08 18.22
CA LYS A 51 -2.35 1.79 19.36
C LYS A 51 -1.25 2.47 20.17
N GLY A 52 -1.40 3.77 20.41
CA GLY A 52 -0.43 4.48 21.21
C GLY A 52 0.95 4.71 20.63
N THR A 53 1.16 4.38 19.35
CA THR A 53 2.43 4.74 18.70
C THR A 53 2.23 6.02 17.89
N THR A 54 3.28 6.57 17.31
CA THR A 54 3.15 7.75 16.47
C THR A 54 2.45 7.46 15.14
N TYR A 55 1.98 6.23 14.94
CA TYR A 55 1.16 5.87 13.77
C TYR A 55 -0.34 5.94 14.08
N ASP A 56 -0.68 5.90 15.37
CA ASP A 56 -2.08 5.86 15.81
C ASP A 56 -2.79 7.15 15.44
N VAL A 57 -3.79 7.11 14.56
CA VAL A 57 -4.49 8.34 14.19
C VAL A 57 -5.21 9.02 15.37
N GLU A 58 -5.44 8.30 16.47
CA GLU A 58 -6.01 8.97 17.63
C GLU A 58 -5.02 10.06 18.00
N ARG A 59 -3.75 9.74 17.87
CA ARG A 59 -2.69 10.66 18.24
C ARG A 59 -2.70 11.85 17.30
N GLU A 60 -2.84 11.56 16.01
CA GLU A 60 -2.99 12.59 15.02
C GLU A 60 -4.21 13.49 15.30
N LYS A 61 -5.32 12.90 15.73
CA LYS A 61 -6.53 13.67 16.06
C LYS A 61 -6.25 14.66 17.18
N ASP A 62 -5.58 14.20 18.24
CA ASP A 62 -5.23 15.03 19.39
C ASP A 62 -4.39 16.25 18.99
N MET A 63 -3.42 16.02 18.12
CA MET A 63 -2.55 17.09 17.67
C MET A 63 -3.30 18.05 16.76
N MET A 64 -4.21 17.53 15.92
CA MET A 64 -4.99 18.42 15.07
C MET A 64 -5.87 19.39 15.89
N LEU A 65 -6.53 18.86 16.92
CA LEU A 65 -7.32 19.70 17.81
C LEU A 65 -6.44 20.73 18.51
N TRP A 66 -5.28 20.31 18.99
CA TRP A 66 -4.41 21.23 19.73
C TRP A 66 -3.85 22.30 18.80
N LEU A 67 -3.67 21.93 17.54
CA LEU A 67 -3.06 22.84 16.57
C LEU A 67 -4.06 23.83 15.97
N GLU A 68 -5.35 23.59 16.20
CA GLU A 68 -6.36 24.54 15.73
C GLU A 68 -6.02 25.95 16.25
N GLY A 69 -5.87 26.91 15.35
CA GLY A 69 -5.53 28.25 15.76
C GLY A 69 -4.03 28.53 15.83
N LYS A 70 -3.21 27.50 15.69
CA LYS A 70 -1.75 27.69 15.71
C LYS A 70 -1.13 27.38 14.35
N LEU A 71 -1.60 26.32 13.70
CA LEU A 71 -1.17 26.00 12.37
C LEU A 71 -2.39 25.65 11.53
N PRO A 72 -2.31 25.89 10.21
CA PRO A 72 -3.37 25.52 9.28
C PRO A 72 -3.46 24.00 9.19
N VAL A 73 -4.54 23.41 9.67
CA VAL A 73 -4.72 21.96 9.59
C VAL A 73 -6.15 21.64 9.24
N PRO A 74 -6.40 20.41 8.75
CA PRO A 74 -7.78 20.04 8.50
C PRO A 74 -8.57 19.97 9.80
N LYS A 75 -9.89 20.09 9.66
CA LYS A 75 -10.80 20.09 10.79
C LYS A 75 -11.12 18.64 11.15
N VAL A 76 -11.11 18.32 12.44
CA VAL A 76 -11.59 17.03 12.91
C VAL A 76 -13.11 16.99 12.83
N LEU A 77 -13.65 16.03 12.09
CA LEU A 77 -15.09 15.94 11.90
C LEU A 77 -15.73 14.84 12.76
N HIS A 78 -15.02 13.73 12.88
CA HIS A 78 -15.46 12.63 13.72
C HIS A 78 -14.23 11.84 14.12
N PHE A 79 -14.20 11.39 15.37
CA PHE A 79 -13.22 10.40 15.79
C PHE A 79 -13.81 9.31 16.67
N GLU A 80 -13.38 8.07 16.46
CA GLU A 80 -13.85 6.97 17.29
C GLU A 80 -12.83 5.85 17.37
N ARG A 81 -12.83 5.12 18.48
CA ARG A 81 -12.25 3.80 18.54
C ARG A 81 -13.39 2.83 18.24
N HIS A 82 -13.19 1.92 17.30
CA HIS A 82 -14.22 0.92 17.02
C HIS A 82 -13.59 -0.42 16.63
N ASP A 83 -13.98 -1.48 17.34
CA ASP A 83 -13.45 -2.82 17.13
C ASP A 83 -11.94 -2.82 16.93
N GLY A 84 -11.22 -2.12 17.80
CA GLY A 84 -9.77 -2.06 17.71
C GLY A 84 -9.21 -1.00 16.77
N TRP A 85 -10.03 -0.48 15.86
CA TRP A 85 -9.58 0.54 14.94
C TRP A 85 -9.69 1.94 15.53
N SER A 86 -8.73 2.80 15.23
CA SER A 86 -8.88 4.23 15.47
C SER A 86 -9.30 4.87 14.15
N ASN A 87 -10.45 5.54 14.15
CA ASN A 87 -11.03 6.11 12.94
C ASN A 87 -11.18 7.62 12.99
N LEU A 88 -10.48 8.33 12.11
CA LEU A 88 -10.53 9.78 12.08
C LEU A 88 -11.11 10.25 10.74
N LEU A 89 -12.23 10.97 10.79
CA LEU A 89 -12.79 11.62 9.61
C LEU A 89 -12.43 13.12 9.66
N MET A 90 -11.88 13.66 8.58
CA MET A 90 -11.42 15.05 8.60
C MET A 90 -11.72 15.78 7.29
N SER A 91 -11.72 17.10 7.34
CA SER A 91 -11.92 17.88 6.13
C SER A 91 -10.67 17.83 5.25
N GLU A 92 -10.79 18.29 4.02
CA GLU A 92 -9.66 18.36 3.11
C GLU A 92 -8.84 19.61 3.43
N ALA A 93 -7.52 19.49 3.40
CA ALA A 93 -6.65 20.64 3.59
C ALA A 93 -6.98 21.74 2.56
N ASP A 94 -6.71 23.00 2.90
CA ASP A 94 -6.82 24.10 1.94
C ASP A 94 -5.53 24.31 1.13
N GLY A 95 -5.69 24.73 -0.12
CA GLY A 95 -4.57 25.01 -1.00
C GLY A 95 -4.19 23.83 -1.87
N VAL A 96 -3.00 23.90 -2.45
CA VAL A 96 -2.50 22.86 -3.32
C VAL A 96 -1.34 22.14 -2.67
N LEU A 97 -1.36 20.81 -2.77
CA LEU A 97 -0.27 19.98 -2.27
C LEU A 97 1.07 20.40 -2.88
N CYS A 98 2.07 20.58 -2.03
CA CYS A 98 3.40 20.97 -2.49
C CYS A 98 3.95 20.17 -3.65
N SER A 99 4.01 18.85 -3.49
CA SER A 99 4.54 18.02 -4.57
C SER A 99 3.90 18.38 -5.92
N GLU A 100 2.61 18.74 -5.90
CA GLU A 100 1.88 19.10 -7.12
C GLU A 100 2.20 20.52 -7.59
N GLU A 101 2.21 21.47 -6.65
CA GLU A 101 2.45 22.88 -6.98
C GLU A 101 3.78 23.10 -7.67
N TYR A 102 4.77 22.26 -7.35
CA TYR A 102 6.10 22.40 -7.92
C TYR A 102 6.50 21.17 -8.71
N GLU A 103 5.49 20.42 -9.16
CA GLU A 103 5.70 19.21 -9.96
C GLU A 103 6.56 19.51 -11.19
N ASP A 104 6.15 20.51 -11.97
CA ASP A 104 6.88 20.88 -13.17
C ASP A 104 7.82 22.02 -12.85
N GLU A 105 7.57 22.69 -11.73
CA GLU A 105 8.43 23.79 -11.32
C GLU A 105 9.80 23.23 -10.92
N GLN A 106 10.77 23.41 -11.80
CA GLN A 106 12.14 22.97 -11.56
C GLN A 106 12.79 23.96 -10.59
N SER A 107 11.94 24.67 -9.85
CA SER A 107 12.38 25.67 -8.88
C SER A 107 12.79 24.99 -7.58
N PRO A 108 14.10 24.83 -7.37
CA PRO A 108 14.57 24.34 -6.08
C PRO A 108 14.35 25.44 -5.04
N GLU A 109 14.55 26.68 -5.49
CA GLU A 109 14.49 27.86 -4.63
C GLU A 109 13.15 27.99 -3.88
N LYS A 110 12.05 27.61 -4.52
CA LYS A 110 10.74 27.79 -3.88
C LYS A 110 10.42 26.78 -2.77
N ILE A 111 10.70 25.51 -3.00
CA ILE A 111 10.43 24.52 -1.97
C ILE A 111 11.35 24.76 -0.76
N ILE A 112 12.59 25.13 -1.03
CA ILE A 112 13.52 25.47 0.04
C ILE A 112 13.05 26.67 0.87
N GLU A 113 12.65 27.73 0.19
CA GLU A 113 11.97 28.86 0.82
C GLU A 113 10.75 28.37 1.62
N LEU A 114 9.96 27.49 1.02
CA LEU A 114 8.84 26.90 1.76
C LEU A 114 9.31 26.13 3.02
N TYR A 115 10.35 25.32 2.87
CA TYR A 115 10.89 24.59 4.03
C TYR A 115 11.32 25.55 5.12
N ALA A 116 11.99 26.64 4.75
CA ALA A 116 12.45 27.60 5.73
C ALA A 116 11.27 28.23 6.46
N GLU A 117 10.21 28.53 5.72
CA GLU A 117 9.02 29.12 6.33
C GLU A 117 8.39 28.15 7.35
N CYS A 118 8.29 26.89 7.00
CA CYS A 118 7.76 25.89 7.92
C CYS A 118 8.55 25.86 9.23
N ILE A 119 9.88 25.78 9.12
CA ILE A 119 10.71 25.74 10.31
C ILE A 119 10.44 26.99 11.14
N ARG A 120 10.32 28.15 10.48
CA ARG A 120 10.05 29.37 11.21
C ARG A 120 8.69 29.30 11.91
N LEU A 121 7.68 28.81 11.20
CA LEU A 121 6.34 28.69 11.78
C LEU A 121 6.40 27.79 13.00
N PHE A 122 7.05 26.64 12.87
CA PHE A 122 7.14 25.67 13.95
C PHE A 122 7.77 26.26 15.22
N HIS A 123 8.84 27.03 15.04
CA HIS A 123 9.55 27.60 16.19
C HIS A 123 8.77 28.73 16.88
N SER A 124 7.69 29.20 16.26
CA SER A 124 6.87 30.22 16.89
C SER A 124 5.76 29.61 17.75
N ILE A 125 5.65 28.28 17.77
CA ILE A 125 4.56 27.62 18.49
C ILE A 125 4.94 27.30 19.94
N ASP A 126 4.12 27.75 20.87
CA ASP A 126 4.31 27.47 22.30
C ASP A 126 3.96 26.01 22.59
N ILE A 127 4.93 25.24 23.06
CA ILE A 127 4.73 23.81 23.33
C ILE A 127 4.54 23.49 24.83
N SER A 128 4.37 24.50 25.67
CA SER A 128 4.22 24.25 27.11
C SER A 128 3.12 23.22 27.40
N ASP A 129 2.00 23.32 26.70
CA ASP A 129 0.92 22.35 26.85
C ASP A 129 0.73 21.41 25.65
N CYS A 130 1.80 21.17 24.89
CA CYS A 130 1.71 20.23 23.77
C CYS A 130 1.33 18.83 24.27
N PRO A 131 0.31 18.21 23.66
CA PRO A 131 -0.19 16.91 24.12
C PRO A 131 0.83 15.75 24.09
N TYR A 132 1.81 15.76 23.19
CA TYR A 132 2.77 14.65 23.15
C TYR A 132 4.22 15.12 23.15
N THR A 133 5.07 14.31 23.77
CA THR A 133 6.50 14.56 23.77
C THR A 133 7.21 13.43 23.01
N ASN A 134 7.71 13.75 21.82
CA ASN A 134 8.45 12.78 21.00
C ASN A 134 9.97 12.97 21.15
N SER A 135 10.40 13.05 22.41
CA SER A 135 11.80 13.07 22.74
C SER A 135 12.41 11.78 22.24
N LEU A 136 13.73 11.68 22.19
CA LEU A 136 14.34 10.46 21.70
C LEU A 136 14.09 9.23 22.60
N ASP A 137 13.91 9.45 23.90
CA ASP A 137 13.58 8.31 24.77
C ASP A 137 12.21 7.72 24.38
N SER A 138 11.26 8.59 24.09
CA SER A 138 9.94 8.14 23.67
C SER A 138 9.98 7.47 22.28
N ARG A 139 10.67 8.09 21.32
CA ARG A 139 10.74 7.52 19.97
C ARG A 139 11.49 6.18 20.01
N LEU A 140 12.55 6.12 20.80
CA LEU A 140 13.33 4.88 20.86
C LEU A 140 12.58 3.75 21.56
N ALA A 141 11.80 4.07 22.59
CA ALA A 141 10.96 3.08 23.25
C ALA A 141 9.95 2.52 22.25
N GLU A 142 9.30 3.43 21.53
CA GLU A 142 8.39 3.06 20.44
C GLU A 142 9.08 2.20 19.38
N LEU A 143 10.29 2.58 19.00
CA LEU A 143 11.03 1.83 17.97
C LEU A 143 11.37 0.43 18.47
N ASP A 144 11.70 0.31 19.75
CA ASP A 144 12.01 -0.98 20.34
C ASP A 144 10.78 -1.87 20.21
N TYR A 145 9.61 -1.30 20.51
CA TYR A 145 8.35 -2.02 20.40
C TYR A 145 8.01 -2.44 18.96
N LEU A 146 8.21 -1.55 18.00
CA LEU A 146 7.92 -1.87 16.61
C LEU A 146 8.83 -2.99 16.12
N LEU A 147 10.11 -2.89 16.46
CA LEU A 147 11.09 -3.92 16.07
C LEU A 147 10.69 -5.29 16.62
N ASN A 148 10.38 -5.33 17.90
CA ASN A 148 10.00 -6.58 18.55
C ASN A 148 8.72 -7.21 18.03
N ASN A 149 7.79 -6.40 17.53
CA ASN A 149 6.54 -6.95 17.03
C ASN A 149 6.50 -6.96 15.52
N ASP A 150 7.67 -6.82 14.90
CA ASP A 150 7.78 -6.94 13.45
C ASP A 150 6.91 -5.91 12.74
N LEU A 151 6.78 -4.72 13.31
CA LEU A 151 5.97 -3.68 12.72
C LEU A 151 6.83 -2.56 12.15
N ALA A 152 8.13 -2.57 12.45
CA ALA A 152 9.02 -1.55 11.93
C ALA A 152 9.11 -1.69 10.43
N ASP A 153 9.59 -0.67 9.76
CA ASP A 153 9.59 -0.67 8.31
C ASP A 153 10.92 -1.17 7.75
N VAL A 154 11.15 -2.48 7.84
CA VAL A 154 12.37 -3.10 7.34
C VAL A 154 12.21 -3.42 5.86
N ASP A 155 13.16 -2.97 5.05
CA ASP A 155 13.03 -3.04 3.59
C ASP A 155 14.37 -2.81 2.90
N CYS A 156 14.30 -2.32 1.67
CA CYS A 156 15.48 -2.04 0.84
C CYS A 156 16.67 -1.42 1.57
N GLU A 157 16.43 -0.55 2.54
CA GLU A 157 17.54 0.13 3.20
C GLU A 157 18.20 -0.69 4.33
N ASN A 158 17.74 -1.92 4.54
CA ASN A 158 18.41 -2.84 5.46
C ASN A 158 19.04 -4.01 4.71
N TRP A 159 18.65 -4.17 3.45
CA TRP A 159 19.07 -5.32 2.67
C TRP A 159 20.19 -4.97 1.69
N GLU A 160 20.17 -3.74 1.19
CA GLU A 160 21.21 -3.26 0.29
C GLU A 160 22.60 -3.66 0.79
N GLU A 161 23.49 -4.01 -0.13
CA GLU A 161 24.86 -4.32 0.23
C GLU A 161 25.50 -3.08 0.92
N ASP A 162 25.16 -1.89 0.43
CA ASP A 162 25.76 -0.63 0.91
C ASP A 162 25.45 -0.24 2.36
N THR A 163 24.56 -0.97 3.01
CA THR A 163 24.20 -0.65 4.38
C THR A 163 25.36 -0.83 5.36
N PRO A 164 25.63 0.18 6.22
CA PRO A 164 26.68 0.09 7.26
C PRO A 164 26.28 -0.73 8.48
N PHE A 165 25.00 -1.08 8.63
CA PHE A 165 24.56 -1.90 9.77
C PHE A 165 24.13 -3.29 9.28
N LYS A 166 24.57 -4.33 9.97
CA LYS A 166 24.30 -5.68 9.49
C LYS A 166 22.83 -6.08 9.59
N ASP A 167 22.06 -5.36 10.41
CA ASP A 167 20.64 -5.64 10.57
C ASP A 167 19.94 -4.52 11.34
N PRO A 168 18.60 -4.48 11.30
CA PRO A 168 17.81 -3.47 12.02
C PRO A 168 18.26 -3.23 13.46
N ARG A 169 18.57 -4.28 14.22
CA ARG A 169 18.94 -4.14 15.62
C ARG A 169 20.31 -3.46 15.83
N GLU A 170 21.16 -3.54 14.82
CA GLU A 170 22.45 -2.86 14.88
C GLU A 170 22.25 -1.36 14.72
N LEU A 171 21.30 -0.99 13.85
CA LEU A 171 20.99 0.41 13.64
C LEU A 171 20.35 0.95 14.91
N TYR A 172 19.53 0.13 15.56
CA TYR A 172 18.86 0.55 16.77
C TYR A 172 19.86 0.81 17.90
N ASP A 173 20.77 -0.13 18.14
CA ASP A 173 21.79 0.06 19.16
C ASP A 173 22.58 1.34 18.93
N PHE A 174 22.91 1.61 17.67
CA PHE A 174 23.58 2.86 17.34
C PHE A 174 22.70 4.03 17.79
N LEU A 175 21.43 4.01 17.44
CA LEU A 175 20.54 5.13 17.78
C LEU A 175 20.46 5.31 19.30
N LYS A 176 20.44 4.18 20.01
CA LYS A 176 20.36 4.17 21.45
C LYS A 176 21.60 4.77 22.14
N THR A 177 22.80 4.42 21.67
CA THR A 177 24.03 4.89 22.31
C THR A 177 24.51 6.26 21.79
N GLU A 178 24.13 6.62 20.58
CA GLU A 178 24.57 7.90 20.01
C GLU A 178 23.53 9.01 20.13
N LYS A 179 22.52 8.79 20.95
CA LYS A 179 21.46 9.75 21.18
C LYS A 179 22.04 11.15 21.44
N PRO A 180 21.73 12.14 20.60
CA PRO A 180 22.33 13.44 20.88
C PRO A 180 21.54 14.16 21.97
N GLU A 181 22.07 15.28 22.46
CA GLU A 181 21.33 16.18 23.33
C GLU A 181 20.20 16.88 22.57
N GLU A 182 19.11 17.20 23.27
CA GLU A 182 17.89 17.69 22.65
C GLU A 182 17.41 19.02 23.24
N GLU A 183 16.92 19.89 22.37
CA GLU A 183 16.25 21.10 22.79
C GLU A 183 14.92 21.06 22.10
N LEU A 184 13.85 20.86 22.86
CA LEU A 184 12.55 20.55 22.29
C LEU A 184 11.83 21.78 21.75
N VAL A 185 11.22 21.64 20.58
CA VAL A 185 10.37 22.70 20.02
C VAL A 185 9.23 21.98 19.34
N PHE A 186 8.25 22.69 18.78
CA PHE A 186 7.23 21.97 18.02
C PHE A 186 7.84 21.35 16.78
N SER A 187 7.46 20.11 16.50
CA SER A 187 8.02 19.32 15.42
C SER A 187 6.90 18.63 14.64
N HIS A 188 6.96 18.68 13.31
CA HIS A 188 5.93 18.04 12.49
C HIS A 188 6.02 16.52 12.55
N GLY A 189 7.26 16.01 12.52
CA GLY A 189 7.46 14.59 12.66
C GLY A 189 7.75 13.85 11.36
N ASP A 190 7.22 14.38 10.26
CA ASP A 190 7.50 13.78 8.96
C ASP A 190 7.38 14.83 7.86
N LEU A 191 8.12 15.92 8.01
CA LEU A 191 7.96 17.10 7.17
C LEU A 191 8.45 16.81 5.76
N GLY A 192 7.55 16.98 4.78
CA GLY A 192 7.88 16.64 3.41
C GLY A 192 6.89 17.26 2.46
N ASP A 193 7.21 17.25 1.17
CA ASP A 193 6.41 17.99 0.19
C ASP A 193 5.06 17.33 -0.08
N SER A 194 4.84 16.15 0.50
CA SER A 194 3.60 15.41 0.33
C SER A 194 2.64 15.68 1.49
N ASN A 195 3.02 16.54 2.42
CA ASN A 195 2.07 16.86 3.48
C ASN A 195 2.08 18.33 3.85
N ILE A 196 2.69 19.16 3.01
CA ILE A 196 2.56 20.61 3.14
C ILE A 196 1.68 21.13 2.01
N PHE A 197 0.81 22.09 2.34
CA PHE A 197 -0.08 22.69 1.35
C PHE A 197 0.22 24.18 1.21
N VAL A 198 0.20 24.68 -0.02
CA VAL A 198 0.52 26.07 -0.27
C VAL A 198 -0.54 26.78 -1.12
N LYS A 199 -0.73 28.06 -0.86
CA LYS A 199 -1.79 28.81 -1.50
C LYS A 199 -1.41 30.27 -1.50
N ASP A 200 -1.40 30.88 -2.68
CA ASP A 200 -0.95 32.27 -2.83
C ASP A 200 0.45 32.46 -2.26
N GLY A 201 1.33 31.49 -2.50
CA GLY A 201 2.71 31.57 -2.03
C GLY A 201 2.90 31.34 -0.55
N LYS A 202 1.82 31.33 0.22
CA LYS A 202 1.90 31.09 1.66
C LYS A 202 1.53 29.65 2.04
N VAL A 203 2.11 29.16 3.14
CA VAL A 203 1.78 27.86 3.69
C VAL A 203 0.30 27.87 4.03
N SER A 204 -0.44 26.88 3.53
CA SER A 204 -1.90 26.89 3.71
C SER A 204 -2.42 25.70 4.52
N GLY A 205 -1.58 24.68 4.70
CA GLY A 205 -2.01 23.52 5.47
C GLY A 205 -0.96 22.45 5.67
N PHE A 206 -1.14 21.67 6.73
CA PHE A 206 -0.33 20.49 7.01
C PHE A 206 -1.23 19.28 7.24
N ILE A 207 -0.82 18.12 6.78
CA ILE A 207 -1.53 16.87 7.12
C ILE A 207 -0.50 15.88 7.63
N ASP A 208 -0.91 14.65 7.92
CA ASP A 208 0.02 13.61 8.35
C ASP A 208 0.71 14.03 9.65
N LEU A 209 -0.09 14.23 10.71
CA LEU A 209 0.37 14.88 11.93
C LEU A 209 0.52 13.91 13.11
N GLY A 210 0.50 12.61 12.82
CA GLY A 210 0.47 11.61 13.87
C GLY A 210 1.78 11.58 14.65
N ARG A 211 2.84 12.03 14.00
CA ARG A 211 4.18 12.07 14.60
C ARG A 211 4.55 13.48 15.09
N SER A 212 3.58 14.38 15.17
CA SER A 212 3.85 15.76 15.58
C SER A 212 3.83 15.91 17.12
N GLY A 213 4.54 16.92 17.62
CA GLY A 213 4.66 17.13 19.05
C GLY A 213 6.02 17.72 19.35
N ARG A 214 6.44 17.60 20.61
CA ARG A 214 7.77 18.08 21.01
C ARG A 214 8.83 17.17 20.43
N ALA A 215 9.83 17.76 19.78
CA ALA A 215 11.04 17.01 19.45
C ALA A 215 12.18 17.99 19.23
N ASP A 216 13.40 17.50 19.12
CA ASP A 216 14.53 18.39 18.86
C ASP A 216 14.37 19.19 17.56
N LYS A 217 14.84 20.42 17.56
CA LYS A 217 14.71 21.25 16.36
C LYS A 217 15.44 20.71 15.14
N TRP A 218 16.49 19.91 15.35
CA TRP A 218 17.23 19.36 14.19
C TRP A 218 16.50 18.24 13.45
N TYR A 219 15.47 17.67 14.09
CA TYR A 219 14.68 16.58 13.48
C TYR A 219 14.02 17.07 12.18
N ASP A 220 13.13 18.05 12.27
CA ASP A 220 12.48 18.58 11.05
C ASP A 220 13.52 19.13 10.04
N ILE A 221 14.52 19.85 10.55
CA ILE A 221 15.59 20.39 9.72
C ILE A 221 16.28 19.26 8.93
N ALA A 222 16.63 18.19 9.64
CA ALA A 222 17.21 17.01 8.97
C ALA A 222 16.35 16.49 7.84
N PHE A 223 15.03 16.41 8.05
CA PHE A 223 14.12 15.95 7.00
C PHE A 223 14.16 16.86 5.77
N CYS A 224 14.19 18.18 6.00
CA CYS A 224 14.33 19.13 4.90
C CYS A 224 15.61 18.92 4.09
N VAL A 225 16.72 18.67 4.78
CA VAL A 225 18.00 18.44 4.11
C VAL A 225 17.89 17.21 3.25
N ARG A 226 17.28 16.15 3.80
CA ARG A 226 17.07 14.90 3.06
C ARG A 226 16.19 15.12 1.83
N SER A 227 15.10 15.86 1.99
CA SER A 227 14.23 16.20 0.85
C SER A 227 15.02 16.91 -0.25
N ILE A 228 15.75 17.96 0.13
CA ILE A 228 16.52 18.75 -0.82
C ILE A 228 17.47 17.87 -1.60
N ARG A 229 18.19 16.99 -0.91
CA ARG A 229 19.17 16.14 -1.58
C ARG A 229 18.53 15.09 -2.47
N GLU A 230 17.33 14.65 -2.11
CA GLU A 230 16.70 13.56 -2.85
C GLU A 230 16.13 14.06 -4.16
N ASP A 231 15.45 15.20 -4.11
CA ASP A 231 14.84 15.78 -5.28
C ASP A 231 15.92 16.49 -6.04
N ILE A 232 15.92 17.81 -5.88
CA ILE A 232 17.05 18.64 -6.28
C ILE A 232 18.31 17.84 -5.96
N GLY A 233 19.31 17.94 -6.82
CA GLY A 233 20.46 17.07 -6.64
C GLY A 233 21.65 17.78 -6.04
N GLU A 234 21.72 19.09 -6.21
CA GLU A 234 22.95 19.80 -5.89
C GLU A 234 23.06 20.31 -4.44
N GLU A 235 24.19 20.02 -3.82
CA GLU A 235 24.46 20.34 -2.43
C GLU A 235 24.41 21.84 -2.15
N GLN A 236 24.61 22.67 -3.19
CA GLN A 236 24.54 24.12 -2.96
C GLN A 236 23.15 24.57 -2.49
N TYR A 237 22.11 23.79 -2.78
CA TYR A 237 20.77 24.15 -2.30
C TYR A 237 20.61 23.85 -0.81
N VAL A 238 21.46 22.96 -0.29
CA VAL A 238 21.49 22.71 1.14
C VAL A 238 22.04 23.94 1.83
N GLU A 239 23.14 24.49 1.30
CA GLU A 239 23.75 25.70 1.89
C GLU A 239 22.77 26.87 1.83
N LEU A 240 22.03 26.97 0.73
CA LEU A 240 20.99 27.98 0.59
C LEU A 240 19.96 27.85 1.71
N PHE A 241 19.51 26.62 1.95
CA PHE A 241 18.56 26.35 3.02
C PHE A 241 19.06 26.90 4.35
N PHE A 242 20.33 26.64 4.67
CA PHE A 242 20.86 27.13 5.93
C PHE A 242 21.08 28.64 5.98
N ASP A 243 21.41 29.28 4.86
CA ASP A 243 21.43 30.75 4.80
C ASP A 243 20.06 31.34 5.09
N LEU A 244 19.00 30.76 4.54
CA LEU A 244 17.63 31.21 4.83
C LEU A 244 17.29 31.06 6.30
N LEU A 245 17.64 29.91 6.89
CA LEU A 245 17.44 29.69 8.32
C LEU A 245 18.32 30.61 9.11
N GLY A 246 19.44 31.02 8.54
CA GLY A 246 20.39 31.85 9.26
C GLY A 246 21.07 31.11 10.42
N ILE A 247 21.27 29.80 10.30
CA ILE A 247 22.02 29.07 11.33
C ILE A 247 23.08 28.19 10.71
N LYS A 248 24.02 27.75 11.55
CA LYS A 248 25.07 26.81 11.14
C LYS A 248 24.62 25.34 11.34
N PRO A 249 24.73 24.51 10.30
CA PRO A 249 24.21 23.15 10.44
C PRO A 249 25.00 22.31 11.44
N ASP A 250 24.29 21.49 12.20
CA ASP A 250 24.93 20.51 13.05
C ASP A 250 24.79 19.15 12.36
N TRP A 251 25.81 18.79 11.58
CA TRP A 251 25.77 17.57 10.76
C TRP A 251 25.63 16.28 11.56
N GLU A 252 26.19 16.23 12.75
CA GLU A 252 26.06 15.05 13.58
C GLU A 252 24.59 14.81 13.92
N LYS A 253 23.87 15.88 14.25
CA LYS A 253 22.47 15.71 14.65
C LYS A 253 21.62 15.41 13.42
N ILE A 254 21.92 16.10 12.33
CA ILE A 254 21.20 15.89 11.07
C ILE A 254 21.37 14.43 10.61
N LYS A 255 22.62 13.96 10.54
CA LYS A 255 22.83 12.55 10.22
C LYS A 255 22.02 11.63 11.12
N TYR A 256 21.99 11.92 12.42
CA TYR A 256 21.30 11.07 13.37
C TYR A 256 19.81 10.94 13.09
N TYR A 257 19.13 12.06 12.88
CA TYR A 257 17.69 12.05 12.66
C TYR A 257 17.27 11.41 11.33
N ILE A 258 18.09 11.59 10.30
CA ILE A 258 17.85 10.90 9.04
C ILE A 258 17.96 9.37 9.22
N LEU A 259 18.98 8.90 9.93
CA LEU A 259 19.07 7.47 10.22
C LEU A 259 17.87 6.99 11.05
N LEU A 260 17.48 7.76 12.05
CA LEU A 260 16.33 7.39 12.88
C LEU A 260 15.07 7.10 12.05
N ASP A 261 14.82 7.90 11.03
CA ASP A 261 13.59 7.74 10.27
C ASP A 261 13.57 6.46 9.42
N GLU A 262 14.72 5.83 9.22
CA GLU A 262 14.77 4.71 8.30
C GLU A 262 13.88 3.56 8.73
N LEU A 263 13.79 3.29 10.03
CA LEU A 263 12.96 2.18 10.47
C LEU A 263 11.47 2.52 10.63
N PHE A 264 11.08 3.76 10.34
CA PHE A 264 9.70 4.16 10.55
C PHE A 264 8.92 4.31 9.25
N ALA B 2 18.76 -10.27 13.01
CA ALA B 2 17.85 -10.90 13.96
C ALA B 2 16.39 -10.69 13.55
N LYS B 3 16.11 -9.51 13.01
CA LYS B 3 14.77 -9.17 12.55
C LYS B 3 14.82 -8.67 11.10
N MET B 4 15.60 -9.36 10.28
CA MET B 4 15.77 -9.01 8.87
C MET B 4 14.56 -9.24 7.95
N ARG B 5 13.68 -10.17 8.31
CA ARG B 5 12.60 -10.64 7.43
C ARG B 5 13.06 -11.59 6.30
N ILE B 6 14.26 -11.38 5.77
CA ILE B 6 14.83 -12.31 4.80
C ILE B 6 16.12 -12.94 5.35
N SER B 7 16.42 -14.15 4.91
CA SER B 7 17.58 -14.89 5.41
C SER B 7 18.88 -14.31 4.89
N PRO B 8 20.01 -14.71 5.49
CA PRO B 8 21.29 -14.31 4.89
C PRO B 8 21.45 -14.84 3.46
N GLU B 9 21.10 -16.11 3.22
CA GLU B 9 21.20 -16.69 1.87
C GLU B 9 20.52 -15.80 0.87
N LEU B 10 19.33 -15.32 1.23
CA LEU B 10 18.52 -14.51 0.29
C LEU B 10 19.07 -13.09 0.18
N LYS B 11 19.45 -12.51 1.31
CA LYS B 11 20.09 -11.19 1.25
C LYS B 11 21.27 -11.26 0.29
N LYS B 12 22.11 -12.28 0.47
CA LYS B 12 23.27 -12.46 -0.41
C LYS B 12 22.87 -12.56 -1.87
N LEU B 13 21.88 -13.41 -2.17
CA LEU B 13 21.43 -13.63 -3.55
C LEU B 13 21.10 -12.34 -4.27
N ILE B 14 20.53 -11.39 -3.52
CA ILE B 14 20.03 -10.16 -4.13
C ILE B 14 20.95 -8.96 -3.90
N GLU B 15 22.17 -9.22 -3.46
CA GLU B 15 23.08 -8.14 -3.09
C GLU B 15 23.39 -7.25 -4.28
N LYS B 16 23.65 -7.88 -5.43
CA LYS B 16 24.03 -7.14 -6.63
C LYS B 16 22.87 -6.45 -7.36
N TYR B 17 21.75 -6.29 -6.68
CA TYR B 17 20.55 -5.70 -7.28
C TYR B 17 20.17 -4.43 -6.53
N ARG B 18 19.69 -3.43 -7.26
CA ARG B 18 19.20 -2.23 -6.61
C ARG B 18 17.75 -2.42 -6.24
N CYS B 19 17.44 -2.32 -4.96
CA CYS B 19 16.10 -2.59 -4.44
C CYS B 19 15.19 -1.36 -4.47
N VAL B 20 13.97 -1.55 -4.96
CA VAL B 20 12.98 -0.47 -5.09
C VAL B 20 11.58 -0.96 -4.70
N LYS B 21 10.94 -0.32 -3.72
CA LYS B 21 9.59 -0.74 -3.33
C LYS B 21 8.58 -0.57 -4.47
N ASP B 22 7.77 -1.59 -4.72
CA ASP B 22 6.78 -1.54 -5.79
C ASP B 22 5.51 -0.79 -5.33
N THR B 23 4.62 -0.52 -6.30
CA THR B 23 3.47 0.35 -6.10
C THR B 23 2.55 -0.02 -4.94
N GLU B 24 2.68 -1.25 -4.44
CA GLU B 24 1.86 -1.73 -3.33
C GLU B 24 0.46 -2.13 -3.80
N GLY B 25 0.33 -2.42 -5.09
CA GLY B 25 -0.93 -2.86 -5.65
C GLY B 25 -1.24 -4.31 -5.33
N MET B 26 -0.27 -5.01 -4.75
CA MET B 26 -0.50 -6.41 -4.37
C MET B 26 -0.67 -6.66 -2.86
N SER B 27 -0.99 -5.62 -2.10
CA SER B 27 -1.30 -5.77 -0.67
C SER B 27 -2.28 -6.90 -0.47
N PRO B 28 -2.12 -7.69 0.60
CA PRO B 28 -1.17 -7.47 1.71
C PRO B 28 0.24 -7.97 1.43
N ALA B 29 0.49 -8.51 0.24
CA ALA B 29 1.85 -8.87 -0.15
C ALA B 29 2.69 -7.61 -0.30
N LYS B 30 3.96 -7.70 0.07
CA LYS B 30 4.89 -6.64 -0.27
C LYS B 30 5.72 -7.10 -1.46
N VAL B 31 5.92 -6.19 -2.42
CA VAL B 31 6.63 -6.49 -3.65
C VAL B 31 7.81 -5.52 -3.82
N TYR B 32 8.99 -6.06 -4.09
CA TYR B 32 10.19 -5.25 -4.30
C TYR B 32 10.75 -5.56 -5.68
N LYS B 33 10.97 -4.54 -6.50
CA LYS B 33 11.59 -4.72 -7.80
C LYS B 33 13.09 -4.63 -7.61
N LEU B 34 13.81 -5.60 -8.17
CA LEU B 34 15.25 -5.68 -7.93
C LEU B 34 15.95 -5.45 -9.25
N VAL B 35 16.48 -4.25 -9.42
CA VAL B 35 17.02 -3.85 -10.71
C VAL B 35 18.50 -4.21 -10.78
N GLY B 36 18.85 -5.04 -11.76
CA GLY B 36 20.23 -5.44 -11.94
C GLY B 36 20.73 -5.01 -13.32
N GLU B 37 21.90 -5.48 -13.72
CA GLU B 37 22.47 -5.05 -15.00
C GLU B 37 22.05 -5.92 -16.16
N ASN B 38 21.71 -7.16 -15.88
CA ASN B 38 21.31 -8.09 -16.93
C ASN B 38 19.80 -8.39 -16.93
N GLU B 39 19.14 -8.12 -15.80
CA GLU B 39 17.71 -8.35 -15.69
C GLU B 39 17.13 -7.71 -14.43
N ASN B 40 15.81 -7.74 -14.30
CA ASN B 40 15.15 -7.40 -13.05
C ASN B 40 14.57 -8.67 -12.40
N LEU B 41 14.62 -8.73 -11.07
CA LEU B 41 13.94 -9.78 -10.33
C LEU B 41 12.83 -9.13 -9.53
N TYR B 42 11.95 -9.96 -8.97
CA TYR B 42 10.91 -9.44 -8.09
C TYR B 42 10.91 -10.26 -6.83
N LEU B 43 10.91 -9.59 -5.67
CA LEU B 43 10.83 -10.28 -4.40
C LEU B 43 9.45 -10.00 -3.79
N LYS B 44 8.71 -11.06 -3.49
CA LYS B 44 7.34 -10.90 -3.00
C LYS B 44 7.24 -11.59 -1.66
N MET B 45 6.70 -10.88 -0.66
CA MET B 45 6.70 -11.36 0.71
C MET B 45 5.32 -11.20 1.35
N THR B 46 4.89 -12.20 2.11
CA THR B 46 3.64 -12.16 2.86
C THR B 46 3.90 -12.65 4.27
N ASP B 47 3.22 -12.05 5.24
CA ASP B 47 3.50 -12.33 6.65
C ASP B 47 2.68 -13.52 7.14
N SER B 48 2.96 -13.94 8.37
CA SER B 48 2.41 -15.19 8.91
C SER B 48 0.89 -15.19 9.13
N ARG B 49 0.26 -14.03 9.17
CA ARG B 49 -1.18 -14.01 9.37
C ARG B 49 -1.86 -14.69 8.20
N TYR B 50 -1.17 -14.69 7.06
CA TYR B 50 -1.78 -15.13 5.81
C TYR B 50 -1.41 -16.53 5.40
N LYS B 51 -0.67 -17.22 6.27
CA LYS B 51 -0.25 -18.59 6.00
C LYS B 51 -1.48 -19.48 5.74
N GLY B 52 -1.38 -20.33 4.74
CA GLY B 52 -2.45 -21.26 4.43
C GLY B 52 -3.54 -20.68 3.55
N THR B 53 -3.50 -19.36 3.32
CA THR B 53 -4.55 -18.73 2.54
C THR B 53 -4.07 -18.53 1.14
N THR B 54 -4.96 -18.11 0.26
CA THR B 54 -4.60 -17.83 -1.11
C THR B 54 -3.79 -16.53 -1.25
N TYR B 55 -3.49 -15.88 -0.12
CA TYR B 55 -2.58 -14.71 -0.09
C TYR B 55 -1.13 -15.10 0.16
N ASP B 56 -0.92 -16.28 0.73
CA ASP B 56 0.41 -16.71 1.15
C ASP B 56 1.25 -16.97 -0.08
N VAL B 57 2.38 -16.28 -0.26
CA VAL B 57 3.19 -16.55 -1.47
C VAL B 57 3.73 -17.98 -1.55
N GLU B 58 3.69 -18.75 -0.47
CA GLU B 58 4.15 -20.12 -0.61
C GLU B 58 3.26 -20.83 -1.61
N ARG B 59 1.96 -20.61 -1.49
CA ARG B 59 0.97 -21.20 -2.37
C ARG B 59 1.20 -20.70 -3.80
N GLU B 60 1.52 -19.42 -3.95
CA GLU B 60 1.83 -18.90 -5.28
C GLU B 60 3.07 -19.56 -5.86
N LYS B 61 4.08 -19.78 -5.03
CA LYS B 61 5.30 -20.46 -5.48
C LYS B 61 4.99 -21.88 -5.97
N ASP B 62 4.22 -22.63 -5.17
CA ASP B 62 3.80 -23.99 -5.55
C ASP B 62 3.12 -23.99 -6.92
N MET B 63 2.18 -23.09 -7.11
CA MET B 63 1.49 -23.01 -8.40
C MET B 63 2.45 -22.63 -9.51
N MET B 64 3.41 -21.74 -9.24
CA MET B 64 4.36 -21.35 -10.27
C MET B 64 5.26 -22.50 -10.69
N LEU B 65 5.71 -23.30 -9.72
CA LEU B 65 6.49 -24.50 -10.04
C LEU B 65 5.64 -25.47 -10.88
N TRP B 66 4.38 -25.67 -10.49
CA TRP B 66 3.50 -26.57 -11.24
C TRP B 66 3.20 -26.07 -12.66
N LEU B 67 3.10 -24.76 -12.84
CA LEU B 67 2.74 -24.20 -14.14
C LEU B 67 3.92 -24.13 -15.13
N GLU B 68 5.14 -24.28 -14.65
CA GLU B 68 6.27 -24.23 -15.57
C GLU B 68 6.07 -25.23 -16.72
N GLY B 69 6.05 -24.73 -17.94
CA GLY B 69 5.87 -25.60 -19.09
C GLY B 69 4.43 -25.73 -19.53
N LYS B 70 3.51 -25.21 -18.72
CA LYS B 70 2.07 -25.31 -19.01
C LYS B 70 1.53 -23.94 -19.38
N LEU B 71 1.90 -22.92 -18.61
CA LEU B 71 1.55 -21.54 -18.93
C LEU B 71 2.81 -20.65 -18.86
N PRO B 72 2.86 -19.57 -19.63
CA PRO B 72 4.00 -18.66 -19.46
C PRO B 72 3.90 -17.92 -18.13
N VAL B 73 4.78 -18.26 -17.17
CA VAL B 73 4.81 -17.60 -15.85
C VAL B 73 6.26 -17.36 -15.43
N PRO B 74 6.47 -16.52 -14.40
CA PRO B 74 7.84 -16.28 -13.96
C PRO B 74 8.48 -17.55 -13.39
N LYS B 75 9.79 -17.54 -13.33
CA LYS B 75 10.57 -18.66 -12.83
C LYS B 75 10.77 -18.43 -11.34
N VAL B 76 10.69 -19.49 -10.55
CA VAL B 76 10.97 -19.41 -9.12
C VAL B 76 12.47 -19.49 -8.88
N LEU B 77 13.08 -18.39 -8.44
CA LEU B 77 14.52 -18.35 -8.24
C LEU B 77 14.94 -18.78 -6.85
N HIS B 78 14.11 -18.45 -5.85
CA HIS B 78 14.35 -18.84 -4.46
C HIS B 78 13.05 -18.71 -3.69
N PHE B 79 12.79 -19.66 -2.79
CA PHE B 79 11.68 -19.53 -1.85
C PHE B 79 12.12 -19.94 -0.46
N GLU B 80 11.65 -19.22 0.55
CA GLU B 80 11.94 -19.58 1.93
C GLU B 80 10.83 -19.16 2.88
N ARG B 81 10.83 -19.78 4.05
CA ARG B 81 10.11 -19.29 5.20
C ARG B 81 11.16 -18.71 6.15
N HIS B 82 10.98 -17.47 6.59
CA HIS B 82 11.95 -16.87 7.49
C HIS B 82 11.26 -15.94 8.49
N ASP B 83 11.34 -16.30 9.77
CA ASP B 83 10.71 -15.54 10.86
C ASP B 83 9.23 -15.29 10.63
N GLY B 84 8.51 -16.33 10.23
CA GLY B 84 7.08 -16.19 10.03
C GLY B 84 6.74 -15.66 8.64
N TRP B 85 7.72 -15.05 7.96
CA TRP B 85 7.52 -14.58 6.58
C TRP B 85 7.68 -15.66 5.49
N SER B 86 6.92 -15.52 4.40
CA SER B 86 7.08 -16.36 3.23
C SER B 86 7.63 -15.50 2.12
N ASN B 87 8.81 -15.87 1.60
CA ASN B 87 9.57 -15.03 0.68
C ASN B 87 9.84 -15.71 -0.64
N LEU B 88 9.44 -15.06 -1.72
CA LEU B 88 9.56 -15.66 -3.03
C LEU B 88 10.34 -14.73 -3.93
N LEU B 89 11.42 -15.22 -4.51
CA LEU B 89 12.21 -14.43 -5.45
C LEU B 89 11.94 -15.02 -6.81
N MET B 90 11.65 -14.18 -7.80
CA MET B 90 11.22 -14.69 -9.09
C MET B 90 11.71 -13.81 -10.23
N SER B 91 11.73 -14.36 -11.44
CA SER B 91 12.16 -13.59 -12.60
C SER B 91 11.07 -12.61 -13.01
N GLU B 92 11.40 -11.74 -13.97
CA GLU B 92 10.45 -10.80 -14.52
C GLU B 92 9.62 -11.45 -15.62
N ALA B 93 8.33 -11.15 -15.65
CA ALA B 93 7.46 -11.63 -16.72
C ALA B 93 8.00 -11.20 -18.07
N ASP B 94 7.65 -11.95 -19.10
CA ASP B 94 8.06 -11.61 -20.46
C ASP B 94 6.94 -10.84 -21.16
N GLY B 95 7.30 -9.71 -21.77
CA GLY B 95 6.35 -8.96 -22.57
C GLY B 95 5.91 -7.65 -21.95
N VAL B 96 4.79 -7.13 -22.44
CA VAL B 96 4.29 -5.84 -22.05
C VAL B 96 3.02 -6.00 -21.26
N LEU B 97 2.92 -5.33 -20.12
CA LEU B 97 1.76 -5.43 -19.28
C LEU B 97 0.54 -5.02 -20.08
N CYS B 98 -0.52 -5.83 -20.00
CA CYS B 98 -1.70 -5.62 -20.81
C CYS B 98 -2.29 -4.22 -20.66
N SER B 99 -2.29 -3.68 -19.44
CA SER B 99 -2.84 -2.35 -19.21
C SER B 99 -1.93 -1.26 -19.78
N GLU B 100 -0.78 -1.66 -20.31
CA GLU B 100 0.15 -0.73 -20.93
C GLU B 100 0.21 -0.87 -22.46
N GLU B 101 -0.15 -2.04 -22.96
CA GLU B 101 -0.25 -2.21 -24.41
C GLU B 101 -1.53 -1.51 -24.87
N TYR B 102 -2.52 -1.48 -24.01
CA TYR B 102 -3.77 -0.77 -24.26
C TYR B 102 -3.67 0.64 -23.69
N GLU B 103 -2.46 1.02 -23.28
CA GLU B 103 -2.23 2.33 -22.69
C GLU B 103 -2.95 3.40 -23.49
N ASP B 104 -2.55 3.56 -24.75
CA ASP B 104 -3.14 4.47 -25.70
C ASP B 104 -3.01 3.84 -27.09
N GLU B 105 -3.84 2.85 -27.36
CA GLU B 105 -3.87 2.23 -28.70
C GLU B 105 -5.27 2.29 -29.27
N GLN B 106 -6.25 2.49 -28.40
CA GLN B 106 -7.65 2.54 -28.80
C GLN B 106 -8.10 1.20 -29.39
N SER B 107 -7.52 0.11 -28.87
CA SER B 107 -7.83 -1.23 -29.36
C SER B 107 -8.66 -2.02 -28.35
N PRO B 108 -9.93 -1.62 -28.14
CA PRO B 108 -10.71 -2.33 -27.12
C PRO B 108 -10.90 -3.79 -27.47
N GLU B 109 -11.12 -4.10 -28.74
CA GLU B 109 -11.36 -5.47 -29.13
C GLU B 109 -10.12 -6.34 -28.92
N LYS B 110 -8.95 -5.74 -28.94
CA LYS B 110 -7.73 -6.53 -28.75
C LYS B 110 -7.62 -6.99 -27.30
N ILE B 111 -8.20 -6.21 -26.39
CA ILE B 111 -8.28 -6.60 -24.99
C ILE B 111 -9.24 -7.77 -24.85
N ILE B 112 -10.41 -7.64 -25.47
CA ILE B 112 -11.42 -8.69 -25.45
C ILE B 112 -10.89 -10.01 -26.01
N GLU B 113 -10.19 -9.92 -27.13
CA GLU B 113 -9.57 -11.10 -27.75
C GLU B 113 -8.56 -11.76 -26.82
N LEU B 114 -7.78 -10.93 -26.13
CA LEU B 114 -6.78 -11.40 -25.17
C LEU B 114 -7.42 -12.12 -23.98
N TYR B 115 -8.50 -11.56 -23.45
CA TYR B 115 -9.24 -12.23 -22.38
C TYR B 115 -9.76 -13.59 -22.86
N ALA B 116 -10.38 -13.64 -24.04
CA ALA B 116 -10.94 -14.89 -24.55
C ALA B 116 -9.82 -15.90 -24.77
N GLU B 117 -8.66 -15.41 -25.23
CA GLU B 117 -7.49 -16.27 -25.39
C GLU B 117 -7.09 -16.92 -24.04
N CYS B 118 -6.99 -16.09 -23.01
CA CYS B 118 -6.71 -16.57 -21.65
C CYS B 118 -7.65 -17.68 -21.20
N ILE B 119 -8.95 -17.46 -21.40
CA ILE B 119 -9.93 -18.46 -21.00
C ILE B 119 -9.70 -19.77 -21.73
N ARG B 120 -9.53 -19.71 -23.04
CA ARG B 120 -9.24 -20.92 -23.83
C ARG B 120 -7.94 -21.60 -23.43
N LEU B 121 -6.90 -20.81 -23.23
CA LEU B 121 -5.65 -21.35 -22.71
C LEU B 121 -5.88 -22.09 -21.37
N PHE B 122 -6.61 -21.48 -20.44
CA PHE B 122 -6.85 -22.13 -19.15
C PHE B 122 -7.61 -23.45 -19.31
N HIS B 123 -8.64 -23.46 -20.16
CA HIS B 123 -9.42 -24.68 -20.36
C HIS B 123 -8.60 -25.81 -20.96
N SER B 124 -7.49 -25.48 -21.63
CA SER B 124 -6.64 -26.49 -22.23
C SER B 124 -5.69 -27.11 -21.22
N ILE B 125 -5.55 -26.48 -20.05
CA ILE B 125 -4.60 -26.97 -19.05
C ILE B 125 -5.05 -28.25 -18.40
N ASP B 126 -4.17 -29.24 -18.37
CA ASP B 126 -4.44 -30.50 -17.68
C ASP B 126 -4.27 -30.29 -16.20
N ILE B 127 -5.37 -30.38 -15.43
CA ILE B 127 -5.32 -30.16 -13.98
C ILE B 127 -5.33 -31.45 -13.14
N SER B 128 -5.02 -32.60 -13.74
CA SER B 128 -5.17 -33.87 -13.02
C SER B 128 -4.32 -33.91 -11.76
N ASP B 129 -3.18 -33.23 -11.82
CA ASP B 129 -2.25 -33.22 -10.70
C ASP B 129 -2.04 -31.80 -10.14
N CYS B 130 -3.04 -30.96 -10.29
CA CYS B 130 -2.96 -29.58 -9.80
C CYS B 130 -2.90 -29.62 -8.27
N PRO B 131 -1.93 -28.90 -7.69
CA PRO B 131 -1.65 -28.87 -6.24
C PRO B 131 -2.80 -28.32 -5.39
N TYR B 132 -3.57 -27.37 -5.94
CA TYR B 132 -4.61 -26.77 -5.12
C TYR B 132 -5.96 -26.83 -5.77
N THR B 133 -6.97 -27.04 -4.92
CA THR B 133 -8.34 -27.01 -5.35
C THR B 133 -9.01 -25.88 -4.63
N ASN B 134 -9.29 -24.80 -5.37
CA ASN B 134 -9.99 -23.67 -4.80
C ASN B 134 -11.48 -23.75 -5.08
N SER B 135 -12.09 -24.80 -4.57
CA SER B 135 -13.54 -24.97 -4.68
C SER B 135 -14.20 -23.91 -3.81
N LEU B 136 -15.49 -23.70 -4.01
CA LEU B 136 -16.23 -22.76 -3.16
C LEU B 136 -16.13 -23.12 -1.67
N ASP B 137 -16.15 -24.41 -1.33
CA ASP B 137 -15.98 -24.81 0.07
C ASP B 137 -14.64 -24.30 0.62
N SER B 138 -13.59 -24.45 -0.19
CA SER B 138 -12.26 -24.02 0.21
C SER B 138 -12.23 -22.49 0.37
N ARG B 139 -12.73 -21.78 -0.64
CA ARG B 139 -12.70 -20.32 -0.63
C ARG B 139 -13.55 -19.78 0.53
N LEU B 140 -14.69 -20.40 0.81
CA LEU B 140 -15.56 -19.93 1.88
C LEU B 140 -14.98 -20.23 3.25
N ALA B 141 -14.32 -21.38 3.40
CA ALA B 141 -13.66 -21.72 4.65
C ALA B 141 -12.56 -20.70 4.93
N GLU B 142 -11.80 -20.37 3.89
CA GLU B 142 -10.76 -19.35 4.02
C GLU B 142 -11.35 -17.95 4.28
N LEU B 143 -12.44 -17.62 3.60
CA LEU B 143 -13.13 -16.35 3.88
C LEU B 143 -13.62 -16.26 5.34
N ASP B 144 -14.08 -17.37 5.90
CA ASP B 144 -14.51 -17.43 7.29
C ASP B 144 -13.35 -17.06 8.20
N TYR B 145 -12.18 -17.66 7.93
CA TYR B 145 -11.01 -17.39 8.74
C TYR B 145 -10.58 -15.93 8.63
N LEU B 146 -10.63 -15.38 7.42
CA LEU B 146 -10.22 -13.99 7.23
C LEU B 146 -11.14 -13.04 7.99
N LEU B 147 -12.45 -13.28 7.94
CA LEU B 147 -13.39 -12.48 8.70
C LEU B 147 -13.23 -12.63 10.22
N ASN B 148 -12.91 -13.82 10.69
CA ASN B 148 -12.74 -14.04 12.13
C ASN B 148 -11.56 -13.30 12.70
N ASN B 149 -10.64 -12.92 11.82
CA ASN B 149 -9.40 -12.33 12.25
C ASN B 149 -9.25 -10.94 11.69
N ASP B 150 -10.33 -10.39 11.15
CA ASP B 150 -10.30 -9.04 10.59
C ASP B 150 -9.20 -8.93 9.54
N LEU B 151 -9.03 -9.96 8.72
CA LEU B 151 -8.07 -9.92 7.61
C LEU B 151 -8.76 -9.81 6.25
N ALA B 152 -10.08 -9.85 6.26
CA ALA B 152 -10.83 -9.68 5.01
C ALA B 152 -10.71 -8.23 4.56
N ASP B 153 -10.96 -8.00 3.28
CA ASP B 153 -10.79 -6.67 2.72
C ASP B 153 -12.04 -5.82 2.94
N VAL B 154 -12.29 -5.41 4.18
CA VAL B 154 -13.40 -4.52 4.48
C VAL B 154 -13.07 -3.09 4.05
N ASP B 155 -13.90 -2.49 3.20
CA ASP B 155 -13.62 -1.17 2.66
C ASP B 155 -14.87 -0.50 2.09
N CYS B 156 -14.68 0.36 1.10
CA CYS B 156 -15.79 1.10 0.49
C CYS B 156 -17.02 0.22 0.20
N GLU B 157 -16.80 -0.96 -0.38
CA GLU B 157 -17.90 -1.80 -0.84
C GLU B 157 -18.85 -2.23 0.29
N ASN B 158 -18.32 -2.27 1.52
CA ASN B 158 -19.16 -2.62 2.67
C ASN B 158 -19.83 -1.40 3.29
N TRP B 159 -19.39 -0.21 2.88
CA TRP B 159 -19.82 1.01 3.55
C TRP B 159 -20.79 1.88 2.74
N GLU B 160 -20.89 1.62 1.44
CA GLU B 160 -21.72 2.43 0.57
C GLU B 160 -23.21 2.33 0.94
N GLU B 161 -23.92 3.43 0.71
CA GLU B 161 -25.36 3.51 0.97
C GLU B 161 -26.12 2.40 0.24
N ASP B 162 -25.78 2.20 -1.03
CA ASP B 162 -26.39 1.14 -1.84
C ASP B 162 -25.67 -0.18 -1.65
N THR B 163 -25.50 -0.58 -0.39
CA THR B 163 -24.99 -1.90 -0.08
C THR B 163 -26.16 -2.79 0.33
N PRO B 164 -26.27 -3.98 -0.29
CA PRO B 164 -27.38 -4.92 -0.03
C PRO B 164 -27.21 -5.68 1.29
N PHE B 165 -26.02 -5.63 1.86
CA PHE B 165 -25.75 -6.37 3.09
C PHE B 165 -25.38 -5.44 4.25
N LYS B 166 -25.99 -5.67 5.40
CA LYS B 166 -25.70 -4.86 6.58
C LYS B 166 -24.20 -4.89 6.91
N ASP B 167 -23.63 -6.08 6.95
CA ASP B 167 -22.21 -6.25 7.29
C ASP B 167 -21.56 -7.38 6.47
N PRO B 168 -20.24 -7.58 6.65
CA PRO B 168 -19.53 -8.64 5.90
C PRO B 168 -20.07 -10.05 6.16
N ARG B 169 -20.48 -10.36 7.38
CA ARG B 169 -21.04 -11.68 7.68
C ARG B 169 -22.29 -12.00 6.87
N GLU B 170 -23.17 -11.03 6.71
CA GLU B 170 -24.39 -11.27 5.96
C GLU B 170 -24.05 -11.63 4.51
N LEU B 171 -23.02 -10.99 3.99
CA LEU B 171 -22.56 -11.30 2.64
C LEU B 171 -22.08 -12.76 2.59
N TYR B 172 -21.34 -13.14 3.63
CA TYR B 172 -20.78 -14.48 3.70
C TYR B 172 -21.86 -15.56 3.80
N ASP B 173 -22.87 -15.32 4.63
CA ASP B 173 -23.97 -16.28 4.77
C ASP B 173 -24.72 -16.38 3.45
N PHE B 174 -24.81 -15.26 2.73
CA PHE B 174 -25.42 -15.30 1.42
C PHE B 174 -24.60 -16.16 0.47
N LEU B 175 -23.30 -15.90 0.41
CA LEU B 175 -22.43 -16.64 -0.49
C LEU B 175 -22.44 -18.13 -0.16
N LYS B 176 -22.58 -18.45 1.13
CA LYS B 176 -22.54 -19.83 1.59
C LYS B 176 -23.85 -20.54 1.23
N THR B 177 -24.95 -19.80 1.35
CA THR B 177 -26.29 -20.32 1.06
C THR B 177 -26.55 -20.47 -0.44
N GLU B 178 -26.13 -19.49 -1.23
CA GLU B 178 -26.41 -19.48 -2.67
C GLU B 178 -25.33 -20.16 -3.53
N LYS B 179 -24.45 -20.93 -2.90
CA LYS B 179 -23.40 -21.69 -3.58
C LYS B 179 -23.88 -22.40 -4.85
N PRO B 180 -23.39 -22.00 -6.04
CA PRO B 180 -23.80 -22.69 -7.26
C PRO B 180 -23.03 -23.99 -7.41
N GLU B 181 -23.44 -24.85 -8.34
CA GLU B 181 -22.69 -26.07 -8.62
C GLU B 181 -21.45 -25.69 -9.42
N GLU B 182 -20.45 -26.57 -9.43
CA GLU B 182 -19.13 -26.23 -9.95
C GLU B 182 -18.60 -27.26 -10.92
N GLU B 183 -17.99 -26.76 -11.99
CA GLU B 183 -17.25 -27.60 -12.92
C GLU B 183 -15.80 -27.11 -12.91
N LEU B 184 -14.91 -27.88 -12.29
CA LEU B 184 -13.53 -27.42 -12.08
C LEU B 184 -12.70 -27.45 -13.35
N VAL B 185 -11.98 -26.35 -13.59
CA VAL B 185 -10.98 -26.24 -14.65
C VAL B 185 -9.83 -25.43 -14.05
N PHE B 186 -8.70 -25.28 -14.77
CA PHE B 186 -7.66 -24.40 -14.25
C PHE B 186 -8.14 -22.96 -14.17
N SER B 187 -7.94 -22.32 -13.03
CA SER B 187 -8.39 -20.94 -12.82
C SER B 187 -7.26 -20.02 -12.35
N HIS B 188 -7.12 -18.84 -12.97
CA HIS B 188 -6.09 -17.90 -12.51
C HIS B 188 -6.39 -17.39 -11.09
N GLY B 189 -7.61 -16.94 -10.87
CA GLY B 189 -7.99 -16.54 -9.54
C GLY B 189 -8.09 -15.03 -9.36
N ASP B 190 -7.36 -14.29 -10.18
CA ASP B 190 -7.44 -12.84 -10.12
C ASP B 190 -7.11 -12.24 -11.49
N LEU B 191 -7.75 -12.78 -12.53
CA LEU B 191 -7.52 -12.35 -13.90
C LEU B 191 -7.86 -10.87 -14.04
N GLY B 192 -6.93 -10.08 -14.60
CA GLY B 192 -7.11 -8.64 -14.74
C GLY B 192 -6.05 -8.04 -15.64
N ASP B 193 -6.23 -6.78 -16.06
CA ASP B 193 -5.28 -6.15 -16.96
C ASP B 193 -3.86 -5.98 -16.37
N SER B 194 -3.76 -5.90 -15.05
CA SER B 194 -2.46 -5.74 -14.41
C SER B 194 -1.75 -7.08 -14.19
N ASN B 195 -2.33 -8.17 -14.66
CA ASN B 195 -1.83 -9.51 -14.38
C ASN B 195 -1.41 -10.30 -15.61
N ILE B 196 -1.65 -9.72 -16.78
CA ILE B 196 -1.52 -10.43 -18.05
C ILE B 196 -0.55 -9.68 -18.93
N PHE B 197 0.45 -10.38 -19.44
CA PHE B 197 1.44 -9.76 -20.31
C PHE B 197 1.21 -10.19 -21.75
N VAL B 198 1.50 -9.28 -22.68
CA VAL B 198 1.30 -9.56 -24.10
C VAL B 198 2.59 -9.32 -24.91
N LYS B 199 2.86 -10.23 -25.85
CA LYS B 199 3.97 -10.06 -26.79
C LYS B 199 3.66 -10.69 -28.15
N ASP B 200 3.46 -9.83 -29.16
CA ASP B 200 3.15 -10.23 -30.56
C ASP B 200 1.67 -10.54 -30.76
N GLY B 201 0.81 -9.74 -30.13
CA GLY B 201 -0.63 -9.93 -30.23
C GLY B 201 -1.17 -11.11 -29.45
N LYS B 202 -0.27 -11.85 -28.80
CA LYS B 202 -0.67 -13.03 -28.03
C LYS B 202 -0.19 -12.95 -26.57
N VAL B 203 -0.89 -13.63 -25.68
CA VAL B 203 -0.51 -13.66 -24.27
C VAL B 203 0.93 -14.15 -24.11
N SER B 204 1.71 -13.45 -23.28
CA SER B 204 3.13 -13.77 -23.11
C SER B 204 3.52 -14.05 -21.66
N GLY B 205 2.65 -13.72 -20.71
CA GLY B 205 2.91 -14.04 -19.30
C GLY B 205 1.76 -13.79 -18.35
N PHE B 206 1.81 -14.48 -17.20
CA PHE B 206 0.86 -14.27 -16.10
C PHE B 206 1.59 -14.08 -14.78
N ILE B 207 1.12 -13.14 -13.95
CA ILE B 207 1.62 -13.02 -12.59
C ILE B 207 0.46 -13.04 -11.61
N ASP B 208 0.77 -12.86 -10.32
CA ASP B 208 -0.27 -12.80 -9.30
C ASP B 208 -1.02 -14.13 -9.26
N LEU B 209 -0.33 -15.19 -8.88
CA LEU B 209 -0.87 -16.54 -9.04
C LEU B 209 -1.23 -17.26 -7.72
N GLY B 210 -1.27 -16.54 -6.61
CA GLY B 210 -1.51 -17.18 -5.32
C GLY B 210 -2.90 -17.77 -5.18
N ARG B 211 -3.85 -17.25 -5.96
CA ARG B 211 -5.22 -17.73 -5.93
C ARG B 211 -5.53 -18.71 -7.07
N SER B 212 -4.49 -19.10 -7.82
CA SER B 212 -4.67 -19.99 -8.97
C SER B 212 -4.80 -21.45 -8.51
N GLY B 213 -5.40 -22.28 -9.34
CA GLY B 213 -5.59 -23.69 -9.04
C GLY B 213 -6.91 -24.16 -9.65
N ARG B 214 -7.48 -25.22 -9.11
CA ARG B 214 -8.78 -25.67 -9.60
C ARG B 214 -9.92 -24.78 -9.09
N ALA B 215 -10.75 -24.26 -9.99
CA ALA B 215 -11.94 -23.55 -9.56
C ALA B 215 -12.97 -23.65 -10.66
N ASP B 216 -14.20 -23.23 -10.40
CA ASP B 216 -15.24 -23.29 -11.43
C ASP B 216 -14.89 -22.41 -12.63
N LYS B 217 -15.33 -22.84 -13.82
CA LYS B 217 -14.98 -22.10 -15.03
C LYS B 217 -15.60 -20.69 -15.07
N TRP B 218 -16.74 -20.50 -14.41
CA TRP B 218 -17.35 -19.16 -14.42
C TRP B 218 -16.59 -18.11 -13.59
N TYR B 219 -15.70 -18.57 -12.72
CA TYR B 219 -14.90 -17.66 -11.87
C TYR B 219 -14.06 -16.68 -12.71
N ASP B 220 -13.12 -17.19 -13.52
CA ASP B 220 -12.30 -16.30 -14.36
C ASP B 220 -13.15 -15.52 -15.39
N ILE B 221 -14.19 -16.16 -15.92
CA ILE B 221 -15.04 -15.53 -16.93
C ILE B 221 -15.72 -14.31 -16.33
N ALA B 222 -16.20 -14.46 -15.08
CA ALA B 222 -16.84 -13.36 -14.38
C ALA B 222 -15.88 -12.19 -14.16
N PHE B 223 -14.63 -12.47 -13.80
CA PHE B 223 -13.62 -11.41 -13.64
C PHE B 223 -13.38 -10.67 -14.97
N CYS B 224 -13.42 -11.40 -16.08
CA CYS B 224 -13.27 -10.75 -17.38
C CYS B 224 -14.43 -9.78 -17.64
N VAL B 225 -15.66 -10.21 -17.37
CA VAL B 225 -16.84 -9.36 -17.57
C VAL B 225 -16.75 -8.09 -16.70
N ARG B 226 -16.30 -8.23 -15.46
CA ARG B 226 -16.12 -7.09 -14.57
C ARG B 226 -15.04 -6.15 -15.11
N SER B 227 -13.91 -6.71 -15.55
CA SER B 227 -12.84 -5.91 -16.16
C SER B 227 -13.34 -5.14 -17.38
N ILE B 228 -13.98 -5.85 -18.31
CA ILE B 228 -14.53 -5.24 -19.53
C ILE B 228 -15.47 -4.07 -19.22
N ARG B 229 -16.32 -4.22 -18.22
CA ARG B 229 -17.28 -3.17 -17.89
C ARG B 229 -16.65 -1.95 -17.22
N GLU B 230 -15.74 -2.15 -16.28
CA GLU B 230 -15.15 -1.02 -15.58
C GLU B 230 -13.92 -0.42 -16.27
N ASP B 231 -13.32 -1.16 -17.20
CA ASP B 231 -12.18 -0.64 -17.95
C ASP B 231 -12.58 -0.11 -19.33
N ILE B 232 -13.50 -0.82 -20.01
CA ILE B 232 -13.91 -0.43 -21.35
C ILE B 232 -15.27 0.27 -21.32
N GLY B 233 -16.21 -0.33 -20.61
CA GLY B 233 -17.50 0.32 -20.37
C GLY B 233 -18.63 -0.17 -21.24
N GLU B 234 -18.41 -0.15 -22.55
CA GLU B 234 -19.49 -0.48 -23.49
C GLU B 234 -19.85 -1.95 -23.46
N GLU B 235 -21.14 -2.23 -23.35
CA GLU B 235 -21.63 -3.60 -23.18
C GLU B 235 -21.47 -4.45 -24.45
N GLN B 236 -21.24 -3.80 -25.59
CA GLN B 236 -21.00 -4.53 -26.83
C GLN B 236 -19.69 -5.34 -26.80
N TYR B 237 -18.75 -4.94 -25.95
CA TYR B 237 -17.50 -5.68 -25.85
C TYR B 237 -17.64 -6.92 -24.99
N VAL B 238 -18.70 -6.93 -24.16
CA VAL B 238 -19.04 -8.08 -23.32
C VAL B 238 -19.70 -9.15 -24.17
N GLU B 239 -20.57 -8.70 -25.09
CA GLU B 239 -21.23 -9.60 -26.03
C GLU B 239 -20.20 -10.23 -26.98
N LEU B 240 -19.24 -9.42 -27.41
CA LEU B 240 -18.14 -9.89 -28.25
C LEU B 240 -17.31 -10.96 -27.53
N PHE B 241 -17.04 -10.73 -26.24
CA PHE B 241 -16.31 -11.68 -25.40
C PHE B 241 -16.99 -13.05 -25.43
N PHE B 242 -18.28 -13.11 -25.13
CA PHE B 242 -18.98 -14.41 -25.16
C PHE B 242 -19.08 -15.01 -26.55
N ASP B 243 -19.17 -14.16 -27.56
CA ASP B 243 -19.13 -14.63 -28.93
C ASP B 243 -17.80 -15.34 -29.18
N LEU B 244 -16.68 -14.68 -28.88
CA LEU B 244 -15.40 -15.34 -29.07
C LEU B 244 -15.27 -16.63 -28.27
N LEU B 245 -15.80 -16.65 -27.03
CA LEU B 245 -15.77 -17.88 -26.24
C LEU B 245 -16.67 -19.00 -26.81
N GLY B 246 -17.63 -18.62 -27.64
CA GLY B 246 -18.59 -19.57 -28.16
C GLY B 246 -19.62 -20.04 -27.15
N ILE B 247 -19.89 -19.25 -26.10
CA ILE B 247 -20.88 -19.63 -25.10
C ILE B 247 -21.81 -18.50 -24.69
N LYS B 248 -22.98 -18.86 -24.19
CA LYS B 248 -23.91 -17.89 -23.63
C LYS B 248 -23.58 -17.70 -22.15
N PRO B 249 -23.70 -16.45 -21.67
CA PRO B 249 -23.34 -16.12 -20.28
C PRO B 249 -24.36 -16.65 -19.29
N ASP B 250 -23.89 -17.27 -18.22
CA ASP B 250 -24.74 -17.68 -17.10
C ASP B 250 -24.65 -16.58 -16.05
N TRP B 251 -25.55 -15.60 -16.12
CA TRP B 251 -25.44 -14.39 -15.33
C TRP B 251 -25.60 -14.61 -13.81
N GLU B 252 -26.36 -15.63 -13.42
CA GLU B 252 -26.47 -15.91 -11.99
C GLU B 252 -25.12 -16.35 -11.43
N LYS B 253 -24.34 -17.08 -12.23
CA LYS B 253 -23.02 -17.50 -11.75
C LYS B 253 -22.00 -16.36 -11.80
N ILE B 254 -22.03 -15.60 -12.89
CA ILE B 254 -21.17 -14.44 -13.05
C ILE B 254 -21.33 -13.47 -11.87
N LYS B 255 -22.54 -13.03 -11.57
CA LYS B 255 -22.79 -12.18 -10.41
C LYS B 255 -22.30 -12.82 -9.10
N TYR B 256 -22.55 -14.12 -8.95
CA TYR B 256 -22.11 -14.81 -7.74
C TYR B 256 -20.60 -14.66 -7.50
N TYR B 257 -19.79 -14.87 -8.53
CA TYR B 257 -18.33 -14.85 -8.39
C TYR B 257 -17.75 -13.45 -8.23
N ILE B 258 -18.39 -12.48 -8.87
CA ILE B 258 -17.99 -11.08 -8.68
C ILE B 258 -18.25 -10.66 -7.23
N LEU B 259 -19.37 -11.09 -6.68
CA LEU B 259 -19.71 -10.85 -5.28
C LEU B 259 -18.68 -11.51 -4.36
N LEU B 260 -18.37 -12.77 -4.64
CA LEU B 260 -17.39 -13.52 -3.88
C LEU B 260 -16.10 -12.73 -3.68
N ASP B 261 -15.65 -12.03 -4.73
CA ASP B 261 -14.34 -11.40 -4.72
C ASP B 261 -14.26 -10.13 -3.88
N GLU B 262 -15.42 -9.56 -3.56
CA GLU B 262 -15.44 -8.28 -2.84
C GLU B 262 -14.65 -8.31 -1.54
N LEU B 263 -14.84 -9.35 -0.75
CA LEU B 263 -14.17 -9.43 0.56
C LEU B 263 -12.73 -9.86 0.46
N PHE B 264 -12.23 -10.06 -0.75
CA PHE B 264 -10.85 -10.50 -0.92
C PHE B 264 -9.86 -9.42 -1.36
CA CA C . 12.91 1.50 5.95
C1 CKI D . -5.81 16.09 2.07
N2 CKI D . -6.41 16.83 3.02
C3 CKI D . -6.71 16.28 4.23
C4 CKI D . -6.39 14.96 4.51
C5 CKI D . -5.34 12.73 3.74
CL5 CKI D . -5.65 11.95 5.19
C6 CKI D . -4.69 11.98 2.72
C7 CKI D . -4.42 12.57 1.51
C8 CKI D . -4.78 13.94 1.27
C9 CKI D . -5.45 14.73 2.30
C10 CKI D . -5.72 14.14 3.51
S CKI D . -4.39 14.59 -0.32
O1S CKI D . -3.40 15.69 -0.19
O2S CKI D . -5.65 15.15 -0.95
N1' CKI D . -3.81 13.37 -1.25
C1' CKI D . -2.34 13.29 -1.15
C2' CKI D . -1.67 13.59 0.20
N2' CKI D . -0.21 13.73 0.25
CA CA E . -13.69 -5.05 -0.34
C1 CKI F . 6.43 -8.55 -13.27
N2 CKI F . 7.04 -9.75 -13.43
C3 CKI F . 7.16 -10.64 -12.40
C4 CKI F . 6.66 -10.34 -11.16
C5 CKI F . 5.43 -8.69 -9.64
CL5 CKI F . 5.54 -9.72 -8.34
C6 CKI F . 4.78 -7.43 -9.46
C7 CKI F . 4.68 -6.56 -10.52
C8 CKI F . 5.23 -6.92 -11.81
C9 CKI F . 5.88 -8.19 -12.01
C10 CKI F . 5.99 -9.07 -10.94
S CKI F . 5.06 -5.75 -13.09
O1S CKI F . 4.26 -6.29 -14.22
O2S CKI F . 6.41 -5.33 -13.62
N1' CKI F . 4.28 -4.47 -12.43
C1' CKI F . 2.90 -4.51 -12.93
C2' CKI F . 1.89 -5.45 -12.23
N2' CKI F . 0.49 -5.04 -12.22
#